data_8JTU
#
_entry.id   8JTU
#
_cell.length_a   90.720
_cell.length_b   90.720
_cell.length_c   90.460
_cell.angle_alpha   90.00
_cell.angle_beta   90.00
_cell.angle_gamma   120.00
#
_symmetry.space_group_name_H-M   'P 31 2 1'
#
_entity_poly.entity_id   1
_entity_poly.type   'polypeptide(L)'
_entity_poly.pdbx_seq_one_letter_code
;ALVIAFIGKNGAVMAGDMREITFEGEKPDREKLEKELYSGSIVTDEEMQKKAEEFGVKITVADCKEKVSERNGVLVGEVS
SAEGGVVKKRRLYASAGNFAIAELINTEMTLTSQGKGSNFIAFGNEFTKQVANKCFKDNWTKKSNLQDAVKILILCMETV
ARKTASVSKQFMIVQTASNADVLKVVEKDRNC
;
_entity_poly.pdbx_strand_id   A,B
#
# COMPACT_ATOMS: atom_id res chain seq x y z
N ALA A 1 16.05 4.21 -4.68
CA ALA A 1 16.09 3.48 -5.97
C ALA A 1 15.81 4.45 -7.12
N LEU A 2 14.74 4.28 -7.91
CA LEU A 2 14.41 5.25 -8.96
C LEU A 2 13.02 5.05 -9.58
N VAL A 3 12.43 6.16 -9.97
CA VAL A 3 11.25 6.20 -10.82
C VAL A 3 11.25 7.57 -11.49
N ILE A 4 10.70 7.60 -12.73
CA ILE A 4 10.86 8.70 -13.69
C ILE A 4 9.58 9.03 -14.46
N ALA A 5 9.26 10.32 -14.65
CA ALA A 5 8.14 10.62 -15.55
C ALA A 5 8.39 11.79 -16.51
N PHE A 6 7.72 11.74 -17.67
CA PHE A 6 7.80 12.76 -18.72
C PHE A 6 6.42 13.27 -19.10
N ILE A 7 6.34 14.59 -19.25
CA ILE A 7 5.10 15.35 -19.38
C ILE A 7 5.14 16.28 -20.59
N GLY A 8 4.09 16.26 -21.39
CA GLY A 8 4.08 17.06 -22.60
C GLY A 8 2.65 17.19 -23.05
N LYS A 9 2.44 17.86 -24.17
CA LYS A 9 1.06 17.99 -24.64
C LYS A 9 0.42 16.62 -24.95
N ASN A 10 1.15 15.72 -25.61
CA ASN A 10 0.54 14.47 -26.06
C ASN A 10 0.06 13.59 -24.93
N GLY A 11 0.85 13.46 -23.87
CA GLY A 11 0.65 12.36 -22.95
C GLY A 11 1.65 12.46 -21.81
N ALA A 12 1.55 11.49 -20.89
CA ALA A 12 2.60 11.32 -19.88
C ALA A 12 3.00 9.86 -19.73
N VAL A 13 4.29 9.68 -19.44
CA VAL A 13 4.92 8.38 -19.26
C VAL A 13 5.53 8.38 -17.88
N MET A 14 5.21 7.38 -17.08
CA MET A 14 5.85 7.21 -15.78
C MET A 14 6.36 5.78 -15.67
N ALA A 15 7.67 5.61 -15.45
CA ALA A 15 8.25 4.28 -15.23
C ALA A 15 8.90 4.20 -13.84
N GLY A 16 8.66 3.07 -13.17
CA GLY A 16 9.22 2.90 -11.82
C GLY A 16 9.71 1.50 -11.56
N ASP A 17 10.84 1.38 -10.86
CA ASP A 17 11.34 0.04 -10.47
C ASP A 17 10.42 -0.46 -9.35
N MET A 18 10.44 -1.74 -9.04
CA MET A 18 9.52 -2.31 -8.03
C MET A 18 10.30 -2.77 -6.78
N ARG A 19 11.54 -2.34 -6.59
CA ARG A 19 12.36 -2.91 -5.48
C ARG A 19 12.21 -2.21 -4.15
N GLU A 20 11.82 -2.97 -3.13
CA GLU A 20 11.87 -2.40 -1.79
C GLU A 20 12.80 -3.27 -0.95
N ILE A 21 13.49 -2.64 -0.03
CA ILE A 21 14.61 -3.24 0.70
C ILE A 21 14.39 -3.07 2.21
N THR A 22 14.56 -4.14 2.99
CA THR A 22 14.33 -4.08 4.43
C THR A 22 15.69 -4.13 5.13
N PHE A 23 15.92 -3.19 6.07
CA PHE A 23 17.24 -3.11 6.76
C PHE A 23 17.09 -3.53 8.23
N GLU A 24 17.80 -4.58 8.65
CA GLU A 24 17.76 -5.04 10.07
C GLU A 24 19.18 -5.09 10.64
N GLY A 25 19.39 -4.52 11.84
CA GLY A 25 20.71 -4.59 12.49
C GLY A 25 21.15 -3.26 13.08
N GLU A 26 22.36 -3.19 13.65
CA GLU A 26 22.88 -1.94 14.22
C GLU A 26 22.54 -0.76 13.31
N LYS A 27 21.62 0.06 13.81
CA LYS A 27 21.19 1.24 13.09
C LYS A 27 22.39 2.14 12.73
N PRO A 28 23.37 2.40 13.62
CA PRO A 28 24.56 3.16 13.16
C PRO A 28 25.25 2.51 12.00
N ASP A 29 25.30 1.18 12.03
CA ASP A 29 25.80 0.43 10.90
C ASP A 29 24.94 0.65 9.68
N ARG A 30 23.61 0.68 9.86
CA ARG A 30 22.76 0.73 8.69
C ARG A 30 23.05 2.00 7.92
N GLU A 31 23.18 3.11 8.63
CA GLU A 31 23.54 4.28 7.86
C GLU A 31 24.97 4.19 7.32
N LYS A 32 25.89 3.43 7.98
CA LYS A 32 27.22 3.14 7.38
C LYS A 32 27.22 2.33 6.05
N LEU A 33 26.43 1.26 5.97
CA LEU A 33 26.19 0.52 4.73
C LEU A 33 25.44 1.33 3.65
N GLU A 34 24.42 2.07 4.11
CA GLU A 34 23.44 2.74 3.26
C GLU A 34 24.11 3.75 2.39
N LYS A 35 25.03 4.50 2.99
CA LYS A 35 26.00 5.27 2.25
C LYS A 35 26.42 4.55 0.99
N GLU A 36 27.07 3.41 1.17
CA GLU A 36 27.73 2.81 0.03
C GLU A 36 26.76 2.40 -1.07
N LEU A 37 25.63 1.78 -0.71
CA LEU A 37 24.70 1.48 -1.81
C LEU A 37 24.17 2.76 -2.49
N TYR A 38 23.79 3.78 -1.70
CA TYR A 38 23.18 4.97 -2.30
C TYR A 38 24.16 5.64 -3.22
N SER A 39 25.41 5.69 -2.79
CA SER A 39 26.46 6.33 -3.51
C SER A 39 26.65 5.60 -4.81
N GLY A 40 26.11 4.38 -4.90
CA GLY A 40 26.06 3.61 -6.13
C GLY A 40 27.10 2.53 -6.33
N SER A 41 27.91 2.24 -5.31
CA SER A 41 29.17 1.48 -5.46
C SER A 41 29.01 0.01 -5.88
N ILE A 42 27.83 -0.63 -5.78
CA ILE A 42 27.67 -2.02 -6.20
C ILE A 42 26.43 -2.21 -7.07
N VAL A 43 26.44 -3.33 -7.84
CA VAL A 43 25.36 -3.71 -8.75
C VAL A 43 24.95 -5.17 -8.59
N THR A 44 25.90 -6.08 -8.69
CA THR A 44 25.51 -7.48 -8.55
C THR A 44 25.02 -7.69 -7.12
N ASP A 45 23.97 -8.46 -7.03
CA ASP A 45 23.38 -8.75 -5.73
C ASP A 45 24.28 -9.67 -4.89
N GLU A 46 25.03 -10.60 -5.51
CA GLU A 46 26.05 -11.31 -4.72
C GLU A 46 27.10 -10.34 -4.18
N GLU A 47 27.55 -9.40 -5.02
CA GLU A 47 28.41 -8.35 -4.48
C GLU A 47 27.63 -7.39 -3.57
N MET A 48 26.28 -7.41 -3.57
CA MET A 48 25.48 -6.74 -2.54
C MET A 48 25.67 -7.44 -1.17
N GLN A 49 25.25 -8.71 -1.08
CA GLN A 49 25.20 -9.36 0.23
C GLN A 49 26.60 -9.42 0.85
N LYS A 50 27.64 -9.76 0.06
CA LYS A 50 29.03 -9.77 0.55
C LYS A 50 29.27 -8.82 1.72
N LYS A 51 29.09 -7.53 1.43
CA LYS A 51 29.43 -6.46 2.35
C LYS A 51 28.60 -6.54 3.62
N ALA A 52 27.38 -7.08 3.49
CA ALA A 52 26.40 -7.05 4.59
C ALA A 52 26.86 -7.78 5.83
N GLU A 53 27.46 -8.96 5.67
CA GLU A 53 27.93 -9.68 6.85
C GLU A 53 29.25 -9.12 7.33
N GLU A 54 29.90 -8.32 6.49
CA GLU A 54 31.00 -7.48 6.91
C GLU A 54 30.53 -6.47 7.95
N PHE A 55 29.36 -5.86 7.71
CA PHE A 55 28.85 -4.81 8.61
C PHE A 55 27.77 -5.23 9.60
N GLY A 56 27.21 -6.44 9.51
CA GLY A 56 26.08 -6.82 10.38
C GLY A 56 24.63 -6.54 10.02
N VAL A 57 24.23 -6.71 8.77
CA VAL A 57 22.88 -6.35 8.32
C VAL A 57 22.19 -7.53 7.61
N LYS A 58 20.93 -7.81 7.99
CA LYS A 58 20.07 -8.74 7.25
C LYS A 58 19.02 -7.98 6.46
N ILE A 59 18.90 -8.32 5.16
CA ILE A 59 18.30 -7.42 4.17
C ILE A 59 17.26 -8.10 3.28
N THR A 60 16.06 -8.37 3.79
CA THR A 60 15.05 -8.97 2.94
C THR A 60 14.63 -8.03 1.81
N VAL A 61 14.37 -8.61 0.62
CA VAL A 61 14.03 -7.93 -0.62
C VAL A 61 12.81 -8.57 -1.27
N ALA A 62 12.14 -7.78 -2.12
CA ALA A 62 11.10 -8.27 -3.03
C ALA A 62 10.94 -7.22 -4.11
N ASP A 63 11.18 -7.60 -5.37
CA ASP A 63 11.12 -6.65 -6.49
C ASP A 63 9.71 -6.49 -7.04
N CYS A 64 8.81 -6.03 -6.15
CA CYS A 64 7.41 -5.90 -6.56
C CYS A 64 6.61 -4.95 -5.69
N LYS A 65 7.25 -3.99 -5.02
CA LYS A 65 6.55 -2.78 -4.65
C LYS A 65 6.03 -2.07 -5.89
N GLU A 66 4.79 -1.64 -5.86
CA GLU A 66 4.22 -1.07 -7.07
C GLU A 66 4.43 0.44 -7.04
N LYS A 67 5.65 0.80 -7.44
CA LYS A 67 6.12 2.16 -7.24
C LYS A 67 5.40 3.18 -8.10
N VAL A 68 4.65 2.76 -9.13
CA VAL A 68 3.79 3.72 -9.80
C VAL A 68 2.41 3.07 -9.86
N SER A 69 1.39 3.92 -9.97
CA SER A 69 0.03 3.47 -10.10
C SER A 69 -0.64 4.42 -11.07
N GLU A 70 -1.70 3.94 -11.70
CA GLU A 70 -2.51 4.71 -12.63
C GLU A 70 -3.86 4.93 -11.95
N ARG A 71 -3.99 6.04 -11.26
CA ARG A 71 -5.28 6.49 -10.78
C ARG A 71 -5.71 7.51 -11.86
N ASN A 72 -6.66 7.10 -12.71
CA ASN A 72 -7.50 7.99 -13.52
C ASN A 72 -6.77 8.96 -14.44
N GLY A 73 -5.92 8.43 -15.30
CA GLY A 73 -5.42 9.33 -16.32
C GLY A 73 -4.32 10.20 -15.79
N VAL A 74 -3.92 9.93 -14.56
CA VAL A 74 -2.77 10.50 -13.87
C VAL A 74 -2.00 9.34 -13.27
N LEU A 75 -0.68 9.44 -13.40
CA LEU A 75 0.27 8.40 -13.06
C LEU A 75 0.92 8.88 -11.76
N VAL A 76 0.99 8.01 -10.74
CA VAL A 76 1.50 8.37 -9.42
C VAL A 76 2.67 7.51 -9.03
N GLY A 77 3.77 8.15 -8.63
CA GLY A 77 4.93 7.41 -8.19
C GLY A 77 5.47 7.94 -6.87
N GLU A 78 6.33 7.13 -6.24
CA GLU A 78 6.52 7.27 -4.79
C GLU A 78 7.65 6.51 -4.10
N VAL A 79 8.58 7.23 -3.50
CA VAL A 79 9.80 6.60 -2.98
C VAL A 79 9.73 6.65 -1.48
N SER A 80 9.84 5.48 -0.88
CA SER A 80 9.64 5.32 0.54
C SER A 80 10.98 5.34 1.28
N SER A 81 11.66 6.49 1.29
CA SER A 81 13.09 6.45 1.68
C SER A 81 13.19 6.46 3.22
N ALA A 82 12.69 5.35 3.83
CA ALA A 82 12.14 5.36 5.19
C ALA A 82 13.13 5.74 6.32
N GLU A 83 14.38 5.21 6.28
CA GLU A 83 15.48 5.53 7.21
C GLU A 83 15.31 5.28 8.73
N GLY A 84 14.17 4.81 9.25
CA GLY A 84 14.12 4.65 10.71
C GLY A 84 12.79 4.72 11.46
N GLY A 85 12.55 5.80 12.21
CA GLY A 85 11.19 5.96 12.68
C GLY A 85 10.31 6.04 11.44
N VAL A 86 9.27 5.22 11.43
CA VAL A 86 8.11 5.29 10.54
C VAL A 86 8.43 5.44 9.04
N VAL A 87 7.85 6.48 8.41
CA VAL A 87 7.55 6.59 6.97
C VAL A 87 8.11 7.88 6.37
N LYS A 88 8.82 7.79 5.25
CA LYS A 88 9.31 9.02 4.57
C LYS A 88 8.96 8.95 3.08
N LYS A 89 7.70 9.13 2.69
CA LYS A 89 7.37 9.00 1.27
C LYS A 89 7.57 10.32 0.48
N ARG A 90 7.34 10.22 -0.84
CA ARG A 90 7.75 11.24 -1.82
C ARG A 90 7.27 10.91 -3.24
N ARG A 91 6.21 11.59 -3.66
CA ARG A 91 5.25 11.11 -4.63
C ARG A 91 5.07 12.15 -5.71
N LEU A 92 4.65 11.66 -6.85
CA LEU A 92 4.40 12.51 -7.98
C LEU A 92 3.10 12.11 -8.64
N TYR A 93 2.50 13.10 -9.29
CA TYR A 93 1.36 12.93 -10.16
C TYR A 93 1.70 13.54 -11.52
N ALA A 94 1.32 12.85 -12.59
CA ALA A 94 1.57 13.41 -13.90
C ALA A 94 0.54 12.95 -14.92
N SER A 95 0.43 13.74 -15.98
CA SER A 95 -0.59 13.66 -17.02
C SER A 95 0.00 14.28 -18.28
N ALA A 96 -0.83 14.56 -19.27
CA ALA A 96 -0.30 15.24 -20.46
C ALA A 96 -0.35 16.76 -20.27
N GLY A 97 0.83 17.35 -20.05
CA GLY A 97 1.04 18.76 -19.78
C GLY A 97 0.97 19.24 -18.31
N ASN A 98 0.62 18.38 -17.33
CA ASN A 98 0.39 18.81 -15.95
C ASN A 98 1.09 17.88 -14.95
N PHE A 99 1.54 18.49 -13.85
CA PHE A 99 2.53 17.77 -13.08
C PHE A 99 2.74 18.31 -11.68
N ALA A 100 2.81 17.46 -10.63
CA ALA A 100 3.35 17.94 -9.36
C ALA A 100 3.91 16.86 -8.44
N ILE A 101 4.76 17.35 -7.53
CA ILE A 101 5.60 16.54 -6.66
C ILE A 101 5.37 16.92 -5.21
N ALA A 102 5.14 15.91 -4.39
CA ALA A 102 4.72 16.08 -3.02
C ALA A 102 5.63 15.22 -2.17
N GLU A 103 5.88 15.67 -0.95
CA GLU A 103 6.67 14.96 0.04
C GLU A 103 5.75 14.59 1.18
N LEU A 104 5.81 13.33 1.60
CA LEU A 104 4.93 12.75 2.60
C LEU A 104 5.73 12.42 3.84
N ILE A 105 5.21 12.77 5.00
CA ILE A 105 5.65 12.10 6.21
C ILE A 105 4.45 11.36 6.75
N ASN A 106 4.58 10.04 6.92
CA ASN A 106 3.49 9.22 7.43
C ASN A 106 2.19 9.46 6.69
N THR A 107 1.17 9.83 7.47
CA THR A 107 -0.06 10.42 6.96
C THR A 107 0.13 11.76 6.24
N GLU A 108 0.94 12.65 6.83
CA GLU A 108 0.92 14.06 6.44
C GLU A 108 1.43 14.22 5.01
N MET A 109 0.79 15.09 4.22
CA MET A 109 1.24 15.37 2.86
C MET A 109 1.74 16.79 2.78
N THR A 110 2.97 16.95 2.29
CA THR A 110 3.51 18.28 2.02
C THR A 110 3.82 18.37 0.53
N LEU A 111 3.36 19.42 -0.07
CA LEU A 111 3.77 19.75 -1.41
C LEU A 111 5.21 20.28 -1.45
N THR A 112 5.83 20.15 -2.64
CA THR A 112 6.97 20.97 -3.03
C THR A 112 6.98 21.57 -4.43
N SER A 113 6.24 21.05 -5.41
CA SER A 113 6.16 21.77 -6.70
C SER A 113 4.90 21.46 -7.50
N GLN A 114 4.56 22.34 -8.48
CA GLN A 114 3.40 22.15 -9.38
C GLN A 114 3.47 22.51 -10.88
N GLY A 115 2.39 23.18 -11.39
CA GLY A 115 2.32 23.73 -12.74
C GLY A 115 1.99 22.79 -13.88
N LYS A 116 2.10 23.38 -15.08
CA LYS A 116 1.63 22.85 -16.36
C LYS A 116 2.74 23.09 -17.36
N GLY A 117 2.75 22.25 -18.41
CA GLY A 117 3.78 22.32 -19.42
C GLY A 117 4.57 21.04 -19.49
N SER A 118 5.86 21.17 -19.76
CA SER A 118 6.69 20.07 -20.23
C SER A 118 7.82 19.77 -19.26
N ASN A 119 8.00 18.50 -18.84
CA ASN A 119 9.09 18.19 -17.91
C ASN A 119 9.59 16.72 -17.88
N PHE A 120 10.82 16.50 -17.39
CA PHE A 120 11.40 15.17 -17.11
C PHE A 120 11.86 15.03 -15.65
N ILE A 121 11.37 14.02 -14.93
CA ILE A 121 11.69 13.92 -13.50
C ILE A 121 12.08 12.53 -13.01
N ALA A 122 12.83 12.48 -11.90
CA ALA A 122 13.09 11.20 -11.26
C ALA A 122 13.37 11.37 -9.77
N PHE A 123 13.19 10.25 -9.08
CA PHE A 123 13.50 10.16 -7.67
C PHE A 123 14.26 8.89 -7.42
N GLY A 124 15.08 8.95 -6.36
CA GLY A 124 15.95 7.84 -6.04
C GLY A 124 16.95 8.12 -4.92
N ASN A 125 17.87 7.16 -4.82
CA ASN A 125 19.17 7.35 -4.21
C ASN A 125 20.03 8.26 -5.08
N GLU A 126 21.04 8.87 -4.51
CA GLU A 126 21.58 10.00 -5.22
C GLU A 126 22.06 9.54 -6.59
N PHE A 127 22.74 8.38 -6.60
CA PHE A 127 23.35 7.89 -7.83
C PHE A 127 22.35 7.59 -8.93
N THR A 128 21.25 6.90 -8.57
CA THR A 128 20.28 6.40 -9.55
C THR A 128 19.64 7.56 -10.29
N LYS A 129 19.33 8.60 -9.53
CA LYS A 129 18.78 9.83 -10.04
C LYS A 129 19.77 10.43 -11.02
N GLN A 130 21.05 10.40 -10.67
CA GLN A 130 22.04 10.94 -11.59
C GLN A 130 22.06 10.18 -12.94
N VAL A 131 21.99 8.84 -12.90
CA VAL A 131 22.12 7.97 -14.09
C VAL A 131 20.94 8.11 -15.05
N ALA A 132 19.77 8.27 -14.49
CA ALA A 132 18.65 8.64 -15.32
C ALA A 132 18.93 10.00 -15.99
N ASN A 133 19.51 10.96 -15.23
CA ASN A 133 19.77 12.30 -15.77
C ASN A 133 20.72 12.27 -16.98
N LYS A 134 21.79 11.46 -16.89
CA LYS A 134 22.62 11.08 -18.03
C LYS A 134 21.81 10.67 -19.25
N CYS A 135 21.06 9.58 -19.07
CA CYS A 135 20.41 8.91 -20.17
C CYS A 135 19.40 9.84 -20.83
N PHE A 136 18.64 10.64 -20.05
CA PHE A 136 17.56 11.45 -20.63
C PHE A 136 18.10 12.44 -21.65
N LYS A 137 19.19 13.13 -21.32
CA LYS A 137 19.86 13.91 -22.35
C LYS A 137 20.43 13.03 -23.47
N ASP A 138 21.03 11.87 -23.08
CA ASP A 138 21.59 10.94 -24.05
C ASP A 138 20.69 10.93 -25.27
N ASN A 139 19.54 10.32 -25.05
CA ASN A 139 18.61 9.94 -26.09
C ASN A 139 17.50 10.97 -26.35
N TRP A 140 17.53 12.12 -25.66
CA TRP A 140 16.46 13.12 -25.76
C TRP A 140 16.88 14.34 -26.54
N THR A 141 15.98 14.71 -27.43
CA THR A 141 15.96 15.92 -28.22
C THR A 141 14.56 16.51 -28.09
N LYS A 142 14.45 17.85 -28.18
CA LYS A 142 13.09 18.40 -28.25
C LYS A 142 12.37 17.88 -29.48
N LYS A 143 13.11 17.52 -30.53
CA LYS A 143 12.55 16.87 -31.70
C LYS A 143 12.12 15.44 -31.34
N SER A 144 11.39 15.28 -30.23
CA SER A 144 10.56 14.11 -29.98
C SER A 144 9.22 14.57 -29.44
N ASN A 145 8.19 13.74 -29.67
CA ASN A 145 7.05 13.78 -28.77
C ASN A 145 7.23 12.70 -27.72
N LEU A 146 6.11 12.17 -27.29
CA LEU A 146 6.11 11.10 -26.31
C LEU A 146 6.83 9.88 -26.83
N GLN A 147 6.58 9.52 -28.08
CA GLN A 147 6.72 8.12 -28.45
C GLN A 147 8.15 7.67 -28.29
N ASP A 148 9.12 8.51 -28.68
CA ASP A 148 10.49 8.15 -28.40
C ASP A 148 10.72 8.06 -26.90
N ALA A 149 10.20 9.03 -26.16
CA ALA A 149 10.60 9.17 -24.75
C ALA A 149 10.20 7.91 -23.99
N VAL A 150 9.14 7.27 -24.48
CA VAL A 150 8.63 6.07 -23.83
C VAL A 150 9.70 4.98 -23.84
N LYS A 151 10.36 4.80 -25.01
CA LYS A 151 11.55 3.94 -25.15
C LYS A 151 12.72 4.44 -24.35
N ILE A 152 12.84 5.77 -24.21
CA ILE A 152 13.98 6.34 -23.49
C ILE A 152 13.95 5.80 -22.08
N LEU A 153 12.76 5.83 -21.53
CA LEU A 153 12.59 5.44 -20.17
C LEU A 153 13.02 3.98 -20.02
N ILE A 154 12.67 3.14 -20.98
CA ILE A 154 13.11 1.77 -20.84
C ILE A 154 14.64 1.73 -20.85
N LEU A 155 15.31 2.45 -21.77
CA LEU A 155 16.77 2.23 -21.80
C LEU A 155 17.37 2.61 -20.49
N CYS A 156 16.92 3.76 -19.96
CA CYS A 156 17.36 4.30 -18.70
C CYS A 156 16.98 3.36 -17.58
N MET A 157 15.79 2.80 -17.69
CA MET A 157 15.39 1.78 -16.75
C MET A 157 16.28 0.54 -16.84
N GLU A 158 16.62 0.11 -18.05
CA GLU A 158 17.67 -0.89 -18.22
C GLU A 158 19.02 -0.40 -17.72
N THR A 159 19.36 0.85 -18.01
CA THR A 159 20.69 1.36 -17.78
C THR A 159 20.97 1.29 -16.30
N VAL A 160 19.99 1.64 -15.47
CA VAL A 160 20.21 1.46 -14.04
C VAL A 160 19.69 0.09 -13.56
N ALA A 161 18.98 -0.66 -14.42
CA ALA A 161 18.72 -2.07 -14.17
C ALA A 161 20.05 -2.79 -14.11
N ARG A 162 20.91 -2.39 -15.06
CA ARG A 162 22.24 -2.79 -15.45
C ARG A 162 23.06 -2.34 -14.26
N LYS A 163 23.32 -1.03 -14.23
CA LYS A 163 24.47 -0.62 -13.48
C LYS A 163 24.17 -0.52 -12.02
N THR A 164 23.06 -1.05 -11.50
CA THR A 164 22.87 -0.97 -10.06
C THR A 164 22.00 -2.06 -9.46
N ALA A 165 22.15 -2.18 -8.13
CA ALA A 165 21.47 -3.10 -7.24
C ALA A 165 20.40 -2.53 -6.29
N SER A 166 20.17 -1.21 -6.21
CA SER A 166 19.13 -0.67 -5.31
C SER A 166 17.75 -0.67 -5.97
N VAL A 167 17.73 -1.09 -7.23
CA VAL A 167 16.64 -0.91 -8.15
C VAL A 167 16.20 -2.31 -8.58
N SER A 168 14.91 -2.62 -8.48
CA SER A 168 14.44 -3.94 -8.91
C SER A 168 14.69 -4.15 -10.38
N LYS A 169 15.22 -5.33 -10.75
CA LYS A 169 15.44 -5.63 -12.17
C LYS A 169 14.12 -5.68 -12.98
N GLN A 170 13.05 -6.29 -12.44
CA GLN A 170 11.71 -6.05 -12.99
C GLN A 170 11.29 -4.59 -12.80
N PHE A 171 10.55 -4.03 -13.77
CA PHE A 171 10.02 -2.68 -13.62
C PHE A 171 8.69 -2.49 -14.37
N MET A 172 7.92 -1.47 -13.95
CA MET A 172 6.61 -1.20 -14.54
C MET A 172 6.47 0.26 -14.99
N ILE A 173 5.84 0.41 -16.15
CA ILE A 173 5.68 1.66 -16.89
C ILE A 173 4.20 1.88 -17.25
N VAL A 174 3.66 3.09 -17.02
CA VAL A 174 2.28 3.39 -17.42
C VAL A 174 2.17 4.69 -18.23
N GLN A 175 1.08 4.80 -19.02
CA GLN A 175 0.92 5.97 -19.89
C GLN A 175 -0.49 6.53 -19.85
N THR A 176 -0.57 7.85 -20.11
CA THR A 176 -1.82 8.58 -20.26
C THR A 176 -1.92 9.37 -21.55
N ALA A 177 -3.13 9.30 -22.14
CA ALA A 177 -3.61 10.17 -23.20
C ALA A 177 -4.00 11.57 -22.74
N SER A 178 -4.20 11.77 -21.44
CA SER A 178 -5.13 12.80 -20.95
C SER A 178 -4.42 13.91 -20.21
N ASN A 179 -4.83 15.15 -20.54
CA ASN A 179 -4.35 16.37 -19.89
C ASN A 179 -5.09 16.65 -18.60
N ALA A 180 -5.31 15.58 -17.83
CA ALA A 180 -6.09 15.60 -16.61
C ALA A 180 -5.48 16.55 -15.60
N ASP A 181 -6.29 17.41 -14.98
CA ASP A 181 -5.65 18.49 -14.22
C ASP A 181 -5.40 17.95 -12.83
N VAL A 182 -4.20 17.36 -12.73
CA VAL A 182 -3.71 16.46 -11.69
C VAL A 182 -3.86 17.03 -10.32
N LEU A 183 -4.26 18.31 -10.27
CA LEU A 183 -4.23 19.18 -9.10
C LEU A 183 -5.13 18.62 -8.02
N LYS A 184 -6.31 18.11 -8.43
CA LYS A 184 -7.32 17.65 -7.44
C LYS A 184 -6.87 16.37 -6.72
N VAL A 185 -5.98 15.59 -7.34
CA VAL A 185 -5.57 14.29 -6.71
C VAL A 185 -4.92 14.57 -5.36
N VAL A 186 -4.08 15.61 -5.28
CA VAL A 186 -3.36 15.94 -4.01
C VAL A 186 -4.40 16.28 -2.93
N GLU A 187 -5.42 17.08 -3.27
CA GLU A 187 -6.47 17.47 -2.30
C GLU A 187 -7.25 16.23 -1.85
N LYS A 188 -7.55 15.32 -2.80
CA LYS A 188 -8.28 14.09 -2.45
C LYS A 188 -7.44 13.28 -1.46
N ASP A 189 -6.13 13.16 -1.71
CA ASP A 189 -5.22 12.39 -0.82
C ASP A 189 -5.20 13.06 0.56
N ARG A 190 -5.21 14.39 0.60
CA ARG A 190 -5.23 15.13 1.90
C ARG A 190 -6.54 14.86 2.67
N ASN A 191 -7.70 14.82 1.99
CA ASN A 191 -8.97 14.49 2.71
C ASN A 191 -8.91 13.02 3.16
N CYS A 192 -7.87 12.31 2.74
CA CYS A 192 -7.70 10.91 3.01
C CYS A 192 -6.46 10.58 3.87
N ALA B 1 -9.94 -2.83 13.34
CA ALA B 1 -11.34 -2.43 13.01
C ALA B 1 -12.13 -3.67 12.59
N LEU B 2 -12.48 -3.82 11.31
CA LEU B 2 -13.18 -5.00 10.80
C LEU B 2 -13.22 -5.08 9.28
N VAL B 3 -13.21 -6.32 8.80
CA VAL B 3 -13.52 -6.65 7.42
C VAL B 3 -13.95 -8.12 7.42
N ILE B 4 -14.88 -8.45 6.47
CA ILE B 4 -15.67 -9.69 6.46
C ILE B 4 -15.83 -10.29 5.08
N ALA B 5 -15.71 -11.63 4.96
CA ALA B 5 -16.07 -12.23 3.66
C ALA B 5 -16.90 -13.51 3.76
N PHE B 6 -17.70 -13.77 2.70
CA PHE B 6 -18.55 -14.94 2.58
C PHE B 6 -18.30 -15.68 1.27
N ILE B 7 -18.24 -17.01 1.39
CA ILE B 7 -17.77 -17.93 0.35
C ILE B 7 -18.78 -19.05 0.11
N GLY B 8 -19.10 -19.31 -1.15
CA GLY B 8 -20.10 -20.31 -1.44
C GLY B 8 -19.92 -20.69 -2.89
N LYS B 9 -20.78 -21.59 -3.38
CA LYS B 9 -20.65 -21.96 -4.78
C LYS B 9 -20.84 -20.77 -5.72
N ASN B 10 -21.85 -19.93 -5.47
CA ASN B 10 -22.18 -18.86 -6.42
C ASN B 10 -21.06 -17.85 -6.61
N GLY B 11 -20.42 -17.43 -5.52
CA GLY B 11 -19.64 -16.22 -5.56
C GLY B 11 -18.99 -15.97 -4.22
N ALA B 12 -18.22 -14.88 -4.16
CA ALA B 12 -17.74 -14.39 -2.86
C ALA B 12 -17.94 -12.89 -2.70
N VAL B 13 -18.21 -12.50 -1.46
CA VAL B 13 -18.46 -11.13 -1.05
C VAL B 13 -17.43 -10.80 0.00
N MET B 14 -16.69 -9.71 -0.18
CA MET B 14 -15.79 -9.23 0.86
C MET B 14 -16.06 -7.75 1.10
N ALA B 15 -16.41 -7.39 2.34
CA ALA B 15 -16.59 -5.98 2.70
C ALA B 15 -15.59 -5.56 3.79
N GLY B 16 -15.02 -4.37 3.60
CA GLY B 16 -14.03 -3.88 4.58
C GLY B 16 -14.17 -2.40 4.87
N ASP B 17 -13.99 -2.02 6.13
CA ASP B 17 -14.00 -0.57 6.48
C ASP B 17 -12.68 -0.01 5.95
N MET B 18 -12.56 1.32 5.87
CA MET B 18 -11.34 1.94 5.29
C MET B 18 -10.57 2.71 6.38
N ARG B 19 -10.83 2.48 7.66
CA ARG B 19 -10.21 3.35 8.70
C ARG B 19 -8.86 2.89 9.19
N GLU B 20 -7.86 3.77 9.07
CA GLU B 20 -6.59 3.47 9.72
C GLU B 20 -6.30 4.59 10.71
N ILE B 21 -5.66 4.23 11.81
CA ILE B 21 -5.50 5.10 12.97
C ILE B 21 -4.03 5.17 13.36
N THR B 22 -3.51 6.38 13.61
CA THR B 22 -2.10 6.56 13.94
C THR B 22 -2.00 6.90 15.43
N PHE B 23 -1.13 6.19 16.15
CA PHE B 23 -1.00 6.42 17.63
C PHE B 23 0.34 7.07 17.95
N GLU B 24 0.31 8.26 18.57
CA GLU B 24 1.56 8.97 18.96
C GLU B 24 1.52 9.29 20.46
N GLY B 25 2.60 8.98 21.20
CA GLY B 25 2.65 9.34 22.64
C GLY B 25 3.19 8.20 23.49
N GLU B 26 3.25 8.39 24.82
CA GLU B 26 3.71 7.33 25.73
C GLU B 26 3.17 5.98 25.31
N LYS B 27 4.09 5.16 24.81
CA LYS B 27 3.74 3.82 24.36
C LYS B 27 3.04 3.03 25.49
N PRO B 28 3.50 3.06 26.76
CA PRO B 28 2.72 2.38 27.82
C PRO B 28 1.31 2.88 27.90
N ASP B 29 1.15 4.19 27.70
CA ASP B 29 -0.18 4.77 27.62
C ASP B 29 -0.91 4.24 26.42
N ARG B 30 -0.22 4.07 25.28
CA ARG B 30 -0.94 3.70 24.07
C ARG B 30 -1.61 2.36 24.29
N GLU B 31 -0.88 1.41 24.88
CA GLU B 31 -1.57 0.17 25.14
C GLU B 31 -2.63 0.34 26.24
N LYS B 32 -2.50 1.32 27.16
CA LYS B 32 -3.60 1.66 28.10
C LYS B 32 -4.91 2.20 27.46
N LEU B 33 -4.80 3.12 26.52
CA LEU B 33 -5.94 3.59 25.70
C LEU B 33 -6.52 2.52 24.77
N GLU B 34 -5.60 1.74 24.16
CA GLU B 34 -5.91 0.82 23.06
C GLU B 34 -6.86 -0.25 23.55
N LYS B 35 -6.58 -0.75 24.75
CA LYS B 35 -7.53 -1.52 25.49
C LYS B 35 -8.94 -0.99 25.28
N GLU B 36 -9.17 0.22 25.73
CA GLU B 36 -10.54 0.69 25.80
C GLU B 36 -11.21 0.76 24.44
N LEU B 37 -10.52 1.30 23.42
CA LEU B 37 -11.19 1.27 22.12
C LEU B 37 -11.43 -0.17 21.61
N TYR B 38 -10.44 -1.07 21.75
CA TYR B 38 -10.61 -2.42 21.20
C TYR B 38 -11.75 -3.12 21.88
N SER B 39 -11.84 -2.93 23.18
CA SER B 39 -12.83 -3.56 24.00
C SER B 39 -14.19 -3.07 23.55
N GLY B 40 -14.20 -1.96 22.80
CA GLY B 40 -15.39 -1.44 22.15
C GLY B 40 -16.11 -0.29 22.82
N SER B 41 -15.54 0.28 23.90
CA SER B 41 -16.26 1.14 24.84
C SER B 41 -16.77 2.48 24.27
N ILE B 42 -16.29 2.97 23.12
CA ILE B 42 -16.77 4.23 22.56
C ILE B 42 -17.11 4.11 21.06
N VAL B 43 -17.95 5.04 20.58
CA VAL B 43 -18.41 5.13 19.20
C VAL B 43 -18.27 6.53 18.61
N THR B 44 -18.85 7.52 19.27
CA THR B 44 -18.74 8.86 18.71
C THR B 44 -17.28 9.26 18.75
N ASP B 45 -16.87 9.89 17.69
CA ASP B 45 -15.50 10.35 17.58
C ASP B 45 -15.21 11.52 18.53
N GLU B 46 -16.16 12.40 18.82
CA GLU B 46 -15.94 13.36 19.90
C GLU B 46 -15.74 12.65 21.24
N GLU B 47 -16.57 11.63 21.52
CA GLU B 47 -16.30 10.81 22.69
C GLU B 47 -15.04 9.95 22.50
N MET B 48 -14.50 9.81 21.26
CA MET B 48 -13.16 9.24 21.04
C MET B 48 -12.09 10.20 21.58
N GLN B 49 -11.99 11.41 21.01
CA GLN B 49 -10.85 12.27 21.32
C GLN B 49 -10.84 12.62 22.81
N LYS B 50 -12.03 12.93 23.40
CA LYS B 50 -12.12 13.21 24.84
C LYS B 50 -11.04 12.53 25.67
N LYS B 51 -11.07 11.19 25.64
CA LYS B 51 -10.24 10.36 26.49
C LYS B 51 -8.75 10.57 26.18
N ALA B 52 -8.45 10.93 24.92
CA ALA B 52 -7.08 10.97 24.45
C ALA B 52 -6.22 11.97 25.19
N GLU B 53 -6.74 13.17 25.46
CA GLU B 53 -5.95 14.14 26.19
C GLU B 53 -5.96 13.85 27.67
N GLU B 54 -6.87 13.00 28.09
CA GLU B 54 -6.82 12.39 29.41
C GLU B 54 -5.57 11.53 29.56
N PHE B 55 -5.25 10.76 28.51
CA PHE B 55 -4.11 9.84 28.58
C PHE B 55 -2.82 10.29 27.88
N GLY B 56 -2.83 11.39 27.10
CA GLY B 56 -1.65 11.78 26.33
C GLY B 56 -1.37 11.26 24.93
N VAL B 57 -2.37 11.15 24.07
CA VAL B 57 -2.20 10.55 22.74
C VAL B 57 -2.72 11.49 21.63
N LYS B 58 -1.91 11.67 20.58
CA LYS B 58 -2.37 12.33 19.35
C LYS B 58 -2.59 11.32 18.23
N ILE B 59 -3.75 11.39 17.58
CA ILE B 59 -4.31 10.26 16.84
C ILE B 59 -4.79 10.63 15.44
N THR B 60 -3.90 10.84 14.49
CA THR B 60 -4.35 11.14 13.14
C THR B 60 -5.10 9.96 12.51
N VAL B 61 -6.15 10.29 11.74
CA VAL B 61 -7.06 9.34 11.10
C VAL B 61 -7.24 9.69 9.62
N ALA B 62 -7.66 8.69 8.85
CA ALA B 62 -8.14 8.87 7.48
C ALA B 62 -8.94 7.62 7.12
N ASP B 63 -10.22 7.80 6.81
CA ASP B 63 -11.10 6.66 6.52
C ASP B 63 -11.03 6.22 5.06
N CYS B 64 -9.81 5.82 4.65
CA CYS B 64 -9.62 5.44 3.25
C CYS B 64 -8.38 4.59 3.02
N LYS B 65 -7.91 3.86 4.02
CA LYS B 65 -7.15 2.65 3.74
C LYS B 65 -8.00 1.67 2.95
N GLU B 66 -7.42 1.10 1.90
CA GLU B 66 -8.24 0.25 1.04
C GLU B 66 -8.10 -1.18 1.53
N LYS B 67 -8.89 -1.47 2.56
CA LYS B 67 -8.73 -2.69 3.31
C LYS B 67 -9.10 -3.94 2.53
N VAL B 68 -9.81 -3.81 1.39
CA VAL B 68 -9.97 -4.97 0.53
C VAL B 68 -9.56 -4.52 -0.87
N SER B 69 -9.15 -5.50 -1.67
CA SER B 69 -8.78 -5.25 -3.04
C SER B 69 -9.28 -6.44 -3.83
N GLU B 70 -9.49 -6.21 -5.12
CA GLU B 70 -9.93 -7.24 -6.06
C GLU B 70 -8.76 -7.49 -7.01
N ARG B 71 -7.94 -8.46 -6.66
CA ARG B 71 -6.95 -8.98 -7.56
C ARG B 71 -7.63 -10.22 -8.18
N ASN B 72 -8.08 -10.09 -9.43
CA ASN B 72 -8.38 -11.22 -10.33
C ASN B 72 -9.39 -12.24 -9.83
N GLY B 73 -10.57 -11.78 -9.46
CA GLY B 73 -11.59 -12.78 -9.21
C GLY B 73 -11.43 -13.40 -7.85
N VAL B 74 -10.51 -12.86 -7.09
CA VAL B 74 -10.26 -13.14 -5.68
C VAL B 74 -10.16 -11.81 -4.98
N LEU B 75 -10.77 -11.76 -3.81
CA LEU B 75 -10.97 -10.58 -3.00
C LEU B 75 -9.98 -10.72 -1.84
N VAL B 76 -9.19 -9.67 -1.57
CA VAL B 76 -8.14 -9.73 -0.55
C VAL B 76 -8.34 -8.66 0.50
N GLY B 77 -8.35 -9.07 1.77
CA GLY B 77 -8.49 -8.13 2.85
C GLY B 77 -7.44 -8.34 3.92
N GLU B 78 -7.29 -7.33 4.80
CA GLU B 78 -6.04 -7.16 5.52
C GLU B 78 -5.94 -6.17 6.68
N VAL B 79 -5.67 -6.65 7.87
CA VAL B 79 -5.76 -5.78 9.04
C VAL B 79 -4.36 -5.56 9.56
N SER B 80 -4.00 -4.29 9.65
CA SER B 80 -2.64 -3.90 9.98
C SER B 80 -2.50 -3.62 11.47
N SER B 81 -2.62 -4.66 12.31
CA SER B 81 -2.83 -4.36 13.75
C SER B 81 -1.46 -4.08 14.41
N ALA B 82 -0.84 -2.95 13.97
CA ALA B 82 0.62 -2.77 13.97
C ALA B 82 1.29 -2.80 15.36
N GLU B 83 0.71 -2.15 16.38
CA GLU B 83 1.17 -2.15 17.79
C GLU B 83 2.59 -1.65 18.15
N GLY B 84 3.44 -1.23 17.22
CA GLY B 84 4.77 -0.81 17.68
C GLY B 84 5.98 -0.91 16.76
N GLY B 85 6.90 -1.85 17.01
CA GLY B 85 7.88 -2.09 15.98
C GLY B 85 7.11 -2.50 14.74
N VAL B 86 7.40 -1.83 13.62
CA VAL B 86 7.07 -2.21 12.25
C VAL B 86 5.60 -2.60 12.02
N VAL B 87 5.37 -3.80 11.46
CA VAL B 87 4.20 -4.21 10.67
C VAL B 87 3.59 -5.51 11.20
N LYS B 88 2.27 -5.54 11.42
CA LYS B 88 1.61 -6.81 11.84
C LYS B 88 0.37 -7.06 10.97
N LYS B 89 0.55 -7.46 9.70
CA LYS B 89 -0.64 -7.63 8.85
C LYS B 89 -1.27 -9.04 8.99
N ARG B 90 -2.41 -9.22 8.27
CA ARG B 90 -3.31 -10.34 8.47
C ARG B 90 -4.46 -10.33 7.45
N ARG B 91 -4.35 -11.21 6.46
CA ARG B 91 -4.92 -11.04 5.14
C ARG B 91 -5.71 -12.28 4.77
N LEU B 92 -6.63 -12.07 3.88
CA LEU B 92 -7.46 -13.13 3.39
C LEU B 92 -7.61 -13.03 1.89
N TYR B 93 -7.84 -14.18 1.29
CA TYR B 93 -8.20 -14.32 -0.10
C TYR B 93 -9.49 -15.12 -0.19
N ALA B 94 -10.41 -14.69 -1.05
CA ALA B 94 -11.63 -15.46 -1.20
C ALA B 94 -12.21 -15.32 -2.61
N SER B 95 -13.04 -16.30 -2.95
CA SER B 95 -13.59 -16.54 -4.28
C SER B 95 -14.89 -17.30 -4.08
N ALA B 96 -15.43 -17.87 -5.15
CA ALA B 96 -16.64 -18.68 -4.99
C ALA B 96 -16.27 -20.13 -4.68
N GLY B 97 -16.45 -20.52 -3.42
CA GLY B 97 -16.11 -21.83 -2.86
C GLY B 97 -14.70 -22.03 -2.29
N ASN B 98 -13.77 -21.05 -2.41
CA ASN B 98 -12.37 -21.25 -2.03
C ASN B 98 -11.84 -20.07 -1.20
N PHE B 99 -10.95 -20.40 -0.28
CA PHE B 99 -10.73 -19.43 0.79
C PHE B 99 -9.46 -19.68 1.59
N ALA B 100 -8.64 -18.65 1.88
CA ALA B 100 -7.64 -18.81 2.93
C ALA B 100 -7.14 -17.51 3.58
N ILE B 101 -6.60 -17.72 4.78
CA ILE B 101 -6.23 -16.66 5.72
C ILE B 101 -4.78 -16.80 6.11
N ALA B 102 -4.06 -15.69 6.02
CA ALA B 102 -2.63 -15.66 6.17
C ALA B 102 -2.32 -14.54 7.16
N GLU B 103 -1.25 -14.74 7.91
CA GLU B 103 -0.75 -13.75 8.86
C GLU B 103 0.62 -13.29 8.37
N LEU B 104 0.81 -11.99 8.35
CA LEU B 104 2.00 -11.35 7.82
C LEU B 104 2.77 -10.69 8.95
N ILE B 105 4.08 -10.88 8.96
CA ILE B 105 4.92 -9.95 9.68
C ILE B 105 5.81 -9.28 8.65
N ASN B 106 5.74 -7.94 8.59
CA ASN B 106 6.54 -7.18 7.64
C ASN B 106 6.40 -7.72 6.22
N THR B 107 7.56 -8.06 5.65
CA THR B 107 7.65 -8.88 4.44
C THR B 107 7.09 -10.30 4.61
N GLU B 108 7.40 -10.96 5.73
CA GLU B 108 7.23 -12.41 5.83
C GLU B 108 5.75 -12.77 5.79
N MET B 109 5.40 -13.84 5.07
CA MET B 109 4.01 -14.31 5.03
C MET B 109 3.91 -15.65 5.73
N THR B 110 3.01 -15.75 6.69
CA THR B 110 2.70 -17.02 7.33
C THR B 110 1.25 -17.34 7.08
N LEU B 111 1.00 -18.54 6.64
CA LEU B 111 -0.33 -19.06 6.58
C LEU B 111 -0.87 -19.41 7.97
N THR B 112 -2.21 -19.41 8.08
CA THR B 112 -2.92 -20.15 9.13
C THR B 112 -4.13 -20.99 8.72
N SER B 113 -4.80 -20.76 7.58
CA SER B 113 -5.84 -21.71 7.19
C SER B 113 -6.13 -21.71 5.68
N GLN B 114 -6.78 -22.78 5.18
CA GLN B 114 -7.16 -22.92 3.75
C GLN B 114 -8.50 -23.54 3.32
N GLY B 115 -8.47 -24.41 2.28
CA GLY B 115 -9.60 -25.21 1.82
C GLY B 115 -10.63 -24.55 0.92
N LYS B 116 -11.68 -25.33 0.69
CA LYS B 116 -12.73 -25.11 -0.30
C LYS B 116 -14.06 -25.38 0.37
N GLY B 117 -15.12 -24.77 -0.15
CA GLY B 117 -16.43 -24.89 0.43
C GLY B 117 -16.96 -23.54 0.88
N SER B 118 -17.70 -23.57 1.99
CA SER B 118 -18.60 -22.48 2.36
C SER B 118 -18.19 -21.87 3.70
N ASN B 119 -18.04 -20.53 3.77
CA ASN B 119 -17.66 -19.93 5.06
C ASN B 119 -18.01 -18.43 5.24
N PHE B 120 -18.07 -17.97 6.52
CA PHE B 120 -18.21 -16.55 6.89
C PHE B 120 -17.08 -16.09 7.82
N ILE B 121 -16.35 -15.03 7.46
CA ILE B 121 -15.18 -14.63 8.26
C ILE B 121 -15.06 -13.14 8.54
N ALA B 122 -14.37 -12.79 9.63
CA ALA B 122 -14.03 -11.39 9.86
C ALA B 122 -12.77 -11.24 10.70
N PHE B 123 -12.20 -10.06 10.57
CA PHE B 123 -11.04 -9.66 11.36
C PHE B 123 -11.28 -8.28 11.92
N GLY B 124 -10.62 -8.04 13.06
CA GLY B 124 -10.81 -6.80 13.77
C GLY B 124 -10.15 -6.73 15.14
N ASN B 125 -10.55 -5.67 15.84
CA ASN B 125 -10.47 -5.58 17.27
C ASN B 125 -11.49 -6.53 17.90
N GLU B 126 -11.30 -6.88 19.16
CA GLU B 126 -12.02 -8.06 19.58
C GLU B 126 -13.50 -7.79 19.43
N PHE B 127 -13.93 -6.60 19.85
CA PHE B 127 -15.34 -6.26 19.85
C PHE B 127 -15.99 -6.30 18.48
N THR B 128 -15.32 -5.70 17.48
CA THR B 128 -15.89 -5.52 16.14
C THR B 128 -16.17 -6.85 15.51
N LYS B 129 -15.23 -7.77 15.71
CA LYS B 129 -15.33 -9.12 15.24
C LYS B 129 -16.53 -9.77 15.89
N GLN B 130 -16.73 -9.51 17.18
CA GLN B 130 -17.89 -10.09 17.85
C GLN B 130 -19.21 -9.60 17.22
N VAL B 131 -19.31 -8.30 16.93
CA VAL B 131 -20.57 -7.65 16.44
C VAL B 131 -20.96 -8.11 15.04
N ALA B 132 -19.96 -8.30 14.21
CA ALA B 132 -20.23 -8.96 12.95
C ALA B 132 -20.78 -10.37 13.21
N ASN B 133 -20.21 -11.10 14.20
CA ASN B 133 -20.64 -12.47 14.48
C ASN B 133 -22.12 -12.54 14.90
N LYS B 134 -22.54 -11.61 15.75
CA LYS B 134 -23.97 -11.35 16.02
C LYS B 134 -24.81 -11.27 14.76
N CYS B 135 -24.48 -10.27 13.95
CA CYS B 135 -25.31 -9.90 12.82
C CYS B 135 -25.41 -11.06 11.83
N PHE B 136 -24.28 -11.79 11.56
CA PHE B 136 -24.30 -12.82 10.51
C PHE B 136 -25.31 -13.90 10.82
N LYS B 137 -25.36 -14.37 12.05
CA LYS B 137 -26.46 -15.25 12.44
C LYS B 137 -27.81 -14.52 12.38
N ASP B 138 -27.83 -13.26 12.85
CA ASP B 138 -29.06 -12.45 12.83
C ASP B 138 -29.83 -12.77 11.56
N ASN B 139 -29.23 -12.28 10.49
CA ASN B 139 -29.87 -12.23 9.19
C ASN B 139 -29.53 -13.41 8.28
N TRP B 140 -28.77 -14.40 8.76
CA TRP B 140 -28.33 -15.52 7.93
C TRP B 140 -29.05 -16.81 8.25
N THR B 141 -29.47 -17.44 7.18
CA THR B 141 -30.02 -18.77 7.09
C THR B 141 -29.29 -19.49 5.98
N LYS B 142 -29.16 -20.83 6.08
CA LYS B 142 -28.63 -21.54 4.93
C LYS B 142 -29.53 -21.36 3.72
N LYS B 143 -30.81 -21.11 3.94
CA LYS B 143 -31.73 -20.76 2.88
C LYS B 143 -31.42 -19.35 2.34
N SER B 144 -30.14 -19.09 2.06
CA SER B 144 -29.73 -18.00 1.19
C SER B 144 -28.66 -18.51 0.25
N ASN B 145 -28.56 -17.87 -0.92
CA ASN B 145 -27.28 -17.89 -1.62
C ASN B 145 -26.53 -16.62 -1.26
N LEU B 146 -25.77 -16.15 -2.24
CA LEU B 146 -25.00 -14.93 -2.07
C LEU B 146 -25.92 -13.75 -1.82
N GLN B 147 -27.00 -13.66 -2.59
CA GLN B 147 -27.57 -12.35 -2.84
C GLN B 147 -28.03 -11.70 -1.57
N ASP B 148 -28.67 -12.48 -0.69
CA ASP B 148 -29.00 -11.90 0.61
C ASP B 148 -27.73 -11.51 1.36
N ALA B 149 -26.73 -12.38 1.33
CA ALA B 149 -25.59 -12.21 2.24
C ALA B 149 -24.90 -10.90 1.93
N VAL B 150 -25.00 -10.48 0.66
CA VAL B 150 -24.36 -9.27 0.21
C VAL B 150 -24.92 -8.08 0.98
N LYS B 151 -26.27 -8.03 1.12
CA LYS B 151 -26.98 -7.07 1.98
C LYS B 151 -26.65 -7.26 3.45
N ILE B 152 -26.39 -8.51 3.84
CA ILE B 152 -26.12 -8.80 5.25
C ILE B 152 -24.90 -8.03 5.66
N LEU B 153 -23.92 -8.09 4.77
CA LEU B 153 -22.65 -7.48 5.05
C LEU B 153 -22.87 -5.98 5.23
N ILE B 154 -23.70 -5.38 4.40
CA ILE B 154 -23.93 -3.96 4.60
C ILE B 154 -24.54 -3.74 5.97
N LEU B 155 -25.55 -4.53 6.39
CA LEU B 155 -26.18 -4.13 7.66
C LEU B 155 -25.17 -4.19 8.76
N CYS B 156 -24.39 -5.26 8.76
CA CYS B 156 -23.34 -5.50 9.73
C CYS B 156 -22.29 -4.42 9.62
N MET B 157 -21.99 -4.06 8.39
CA MET B 157 -21.09 -2.93 8.17
C MET B 157 -21.68 -1.64 8.73
N GLU B 158 -22.97 -1.40 8.52
CA GLU B 158 -23.65 -0.32 9.22
C GLU B 158 -23.67 -0.55 10.72
N THR B 159 -23.92 -1.77 11.16
CA THR B 159 -24.17 -2.06 12.55
C THR B 159 -22.94 -1.68 13.34
N VAL B 160 -21.76 -2.00 12.82
CA VAL B 160 -20.58 -1.52 13.51
C VAL B 160 -20.09 -0.18 12.96
N ALA B 161 -20.69 0.32 11.87
CA ALA B 161 -20.53 1.70 11.46
C ALA B 161 -21.08 2.58 12.55
N ARG B 162 -22.24 2.12 13.06
CA ARG B 162 -23.16 2.60 14.06
C ARG B 162 -22.35 2.48 15.33
N LYS B 163 -22.27 1.25 15.81
CA LYS B 163 -21.98 1.13 17.22
C LYS B 163 -20.52 1.27 17.51
N THR B 164 -19.68 1.74 16.58
CA THR B 164 -18.28 1.91 16.95
C THR B 164 -17.53 2.97 16.17
N ALA B 165 -16.38 3.35 16.80
CA ALA B 165 -15.42 4.33 16.33
C ALA B 165 -14.06 3.82 15.81
N SER B 166 -13.74 2.51 15.86
CA SER B 166 -12.45 2.02 15.35
C SER B 166 -12.51 1.74 13.85
N VAL B 167 -13.70 1.91 13.29
CA VAL B 167 -14.08 1.44 11.99
C VAL B 167 -14.47 2.67 11.18
N SER B 168 -13.91 2.82 9.98
CA SER B 168 -14.28 3.98 9.16
C SER B 168 -15.75 3.94 8.80
N LYS B 169 -16.43 5.08 8.92
CA LYS B 169 -17.84 5.14 8.54
C LYS B 169 -18.08 4.88 7.04
N GLN B 170 -17.24 5.43 6.15
CA GLN B 170 -17.18 4.93 4.77
C GLN B 170 -16.66 3.49 4.72
N PHE B 171 -17.19 2.68 3.80
CA PHE B 171 -16.67 1.32 3.62
C PHE B 171 -16.80 0.84 2.18
N MET B 172 -15.99 -0.17 1.81
CA MET B 172 -15.99 -0.71 0.44
C MET B 172 -16.17 -2.23 0.43
N ILE B 173 -16.96 -2.67 -0.54
CA ILE B 173 -17.42 -4.04 -0.74
C ILE B 173 -17.13 -4.50 -2.18
N VAL B 174 -16.57 -5.71 -2.35
CA VAL B 174 -16.35 -6.24 -3.70
C VAL B 174 -16.88 -7.68 -3.87
N GLN B 175 -17.18 -8.06 -5.13
CA GLN B 175 -17.75 -9.38 -5.38
C GLN B 175 -17.08 -10.11 -6.55
N THR B 176 -17.13 -11.45 -6.47
CA THR B 176 -16.68 -12.34 -7.53
C THR B 176 -17.72 -13.36 -7.94
N ALA B 177 -17.79 -13.55 -9.28
CA ALA B 177 -18.47 -14.66 -9.94
C ALA B 177 -17.72 -15.98 -9.88
N SER B 178 -16.43 -15.96 -9.55
CA SER B 178 -15.49 -16.98 -10.02
C SER B 178 -14.96 -17.86 -8.89
N ASN B 179 -14.95 -19.17 -9.15
CA ASN B 179 -14.39 -20.18 -8.25
C ASN B 179 -12.89 -20.30 -8.40
N ALA B 180 -12.23 -19.13 -8.52
CA ALA B 180 -10.81 -19.03 -8.77
C ALA B 180 -10.02 -19.70 -7.68
N ASP B 181 -9.03 -20.52 -8.02
CA ASP B 181 -8.46 -21.35 -6.96
C ASP B 181 -7.36 -20.54 -6.32
N VAL B 182 -7.81 -19.80 -5.30
CA VAL B 182 -7.17 -18.67 -4.63
C VAL B 182 -5.78 -19.00 -4.17
N LEU B 183 -5.42 -20.28 -4.26
CA LEU B 183 -4.26 -20.90 -3.65
C LEU B 183 -2.99 -20.27 -4.18
N LYS B 184 -2.98 -20.01 -5.48
CA LYS B 184 -1.83 -19.49 -6.20
C LYS B 184 -1.44 -18.12 -5.67
N VAL B 185 -2.40 -17.21 -5.55
CA VAL B 185 -2.10 -15.81 -5.10
C VAL B 185 -1.08 -15.82 -3.95
N VAL B 186 -1.24 -16.72 -2.98
CA VAL B 186 -0.34 -16.72 -1.78
C VAL B 186 1.11 -16.98 -2.20
N GLU B 187 1.34 -17.95 -3.09
CA GLU B 187 2.72 -18.29 -3.54
C GLU B 187 3.33 -17.08 -4.28
N LYS B 188 2.50 -16.42 -5.11
CA LYS B 188 3.00 -15.24 -5.87
C LYS B 188 3.40 -14.16 -4.86
N ASP B 189 2.58 -13.95 -3.82
CA ASP B 189 2.88 -12.92 -2.80
C ASP B 189 4.18 -13.28 -2.07
N ARG B 190 4.39 -14.59 -1.81
CA ARG B 190 5.65 -15.05 -1.16
C ARG B 190 6.87 -14.80 -2.05
N ASN B 191 6.77 -15.04 -3.36
CA ASN B 191 7.92 -14.73 -4.27
C ASN B 191 8.10 -13.22 -4.32
N CYS B 192 7.11 -12.46 -3.87
CA CYS B 192 7.11 -11.04 -3.89
C CYS B 192 7.37 -10.40 -2.50
#